data_4CLP
#
_entry.id   4CLP
#
_cell.length_a   100.590
_cell.length_b   100.590
_cell.length_c   97.090
_cell.angle_alpha   90.00
_cell.angle_beta   90.00
_cell.angle_gamma   120.00
#
_symmetry.space_group_name_H-M   'P 63'
#
loop_
_entity.id
_entity.type
_entity.pdbx_description
1 polymer 'ADENYLATE CYCLASE TYPE 10'
2 non-polymer 'ACETATE ION'
3 non-polymer GLYCEROL
4 non-polymer "ADENOSINE-3',5'-CYCLIC-MONOPHOSPHATE"
5 non-polymer 1,2-ETHANEDIOL
6 non-polymer DI(HYDROXYETHYL)ETHER
7 water water
#
_entity_poly.entity_id   1
_entity_poly.type   'polypeptide(L)'
_entity_poly.pdbx_seq_one_letter_code
;MNTPKEEFQDWPIVRIAAHLPDLIVYGHFSPERPFMDYFDGVLMFVDISGFTAMTEKFSSAMYMDRGAEQLVEILNYHIS
AIVEKVLIFGGDILKFAGDALLALWRVERKQLKNIITVVIKCSLEIHGLFETQEWEEGLDIRVKIGLAAGHISMLVFGDE
THSHFLVIGQAVDDVRLAQNMAQMNDVILSPNCWQLCDRSMIEIESVPDQRAVKVNFLKPPPNFNFDEFFTKCTTFMHYY
PSGEHKNLLRLA(CME)TLKPDPELEMSLQKYVMESILKQIDNKQLQGYLSELRPVTIVFVNLMFEDQDKAEEIGPAIQD
AYMHITSVLKIFQGQINKVFMFDKGCSFLCVFGFPGEKVPDELTHALECAMDIFDFCSQVHKIQTVSIGVASGIVFCGIV
GHTVRHEYTVIGQKVNLAARMMMYYPGIVTCDSVTYNGSNLPAYFFKELPKKVMKGVADSGPLYQYWGRTEKVHHHHHH
;
_entity_poly.pdbx_strand_id   A
#
# COMPACT_ATOMS: atom_id res chain seq x y z
N MET A 1 -5.63 -50.89 1.33
CA MET A 1 -6.33 -49.56 1.76
C MET A 1 -5.82 -48.42 0.98
N ASN A 2 -6.71 -47.68 0.34
CA ASN A 2 -6.33 -46.59 -0.51
C ASN A 2 -5.76 -45.40 0.23
N THR A 3 -4.95 -44.65 -0.48
CA THR A 3 -4.42 -43.39 0.03
C THR A 3 -4.76 -42.34 -1.01
N PRO A 4 -6.01 -41.89 -1.01
CA PRO A 4 -6.50 -41.03 -2.07
C PRO A 4 -5.95 -39.63 -2.00
N LYS A 5 -6.04 -38.93 -3.14
CA LYS A 5 -5.53 -37.59 -3.22
C LYS A 5 -6.33 -36.73 -2.24
N GLU A 6 -5.61 -35.87 -1.54
CA GLU A 6 -6.22 -34.73 -0.84
C GLU A 6 -6.28 -33.53 -1.82
N GLU A 7 -7.49 -33.10 -2.17
CA GLU A 7 -7.65 -31.87 -2.97
C GLU A 7 -7.21 -30.75 -2.04
N PHE A 8 -6.59 -29.73 -2.63
CA PHE A 8 -6.28 -28.47 -1.94
C PHE A 8 -7.58 -28.02 -1.28
N GLN A 9 -7.55 -27.62 -0.01
CA GLN A 9 -8.77 -27.00 0.52
C GLN A 9 -8.67 -25.52 0.68
N ASP A 10 -9.62 -24.93 -0.04
CA ASP A 10 -9.72 -23.54 -0.16
C ASP A 10 -10.75 -23.00 0.82
N TRP A 11 -10.48 -23.31 2.07
CA TRP A 11 -11.32 -22.83 3.15
C TRP A 11 -11.36 -21.31 3.19
N PRO A 12 -12.45 -20.75 3.76
CA PRO A 12 -12.53 -19.35 3.94
C PRO A 12 -11.35 -18.73 4.66
N ILE A 13 -10.81 -19.37 5.69
CA ILE A 13 -9.59 -18.79 6.35
C ILE A 13 -8.39 -18.64 5.37
N VAL A 14 -8.23 -19.58 4.45
CA VAL A 14 -7.12 -19.48 3.47
C VAL A 14 -7.39 -18.33 2.51
N ARG A 15 -8.64 -18.17 2.07
CA ARG A 15 -8.98 -17.06 1.17
C ARG A 15 -8.77 -15.70 1.86
N ILE A 16 -9.08 -15.62 3.15
CA ILE A 16 -8.82 -14.46 3.94
C ILE A 16 -7.34 -14.14 4.00
N ALA A 17 -6.54 -15.16 4.35
CA ALA A 17 -5.13 -15.03 4.45
C ALA A 17 -4.46 -14.54 3.15
N ALA A 18 -5.02 -14.78 1.97
CA ALA A 18 -4.47 -14.18 0.76
C ALA A 18 -4.35 -12.66 0.82
N HIS A 19 -5.24 -12.02 1.57
CA HIS A 19 -5.25 -10.56 1.69
C HIS A 19 -4.33 -9.98 2.73
N LEU A 20 -3.54 -10.83 3.39
CA LEU A 20 -2.67 -10.40 4.49
C LEU A 20 -1.26 -10.97 4.42
N PRO A 21 -0.29 -10.24 4.98
CA PRO A 21 1.05 -10.72 5.02
C PRO A 21 1.21 -11.73 6.15
N ASP A 22 2.27 -12.55 6.08
CA ASP A 22 2.68 -13.43 7.15
C ASP A 22 2.87 -12.71 8.48
N LEU A 23 3.31 -11.47 8.42
CA LEU A 23 3.48 -10.64 9.60
C LEU A 23 2.20 -10.59 10.44
N ILE A 24 1.04 -10.57 9.78
CA ILE A 24 -0.25 -10.56 10.51
C ILE A 24 -0.74 -11.99 10.67
N VAL A 25 -0.74 -12.80 9.60
CA VAL A 25 -1.31 -14.16 9.62
C VAL A 25 -0.72 -15.00 10.76
N TYR A 26 0.59 -14.92 10.96
CA TYR A 26 1.27 -15.77 11.95
C TYR A 26 1.70 -14.87 13.12
N GLY A 27 1.24 -13.63 13.19
CA GLY A 27 1.68 -12.75 14.26
C GLY A 27 1.16 -13.05 15.68
N HIS A 28 -0.01 -13.65 15.81
CA HIS A 28 -0.60 -13.94 17.12
C HIS A 28 -0.33 -12.80 18.16
N PHE A 29 -0.65 -11.56 17.90
CA PHE A 29 -0.39 -10.61 18.97
C PHE A 29 -1.70 -10.14 19.58
N SER A 30 -1.51 -9.41 20.65
CA SER A 30 -2.58 -8.90 21.47
C SER A 30 -3.71 -8.20 20.66
N PRO A 31 -4.95 -8.31 21.14
CA PRO A 31 -6.02 -7.57 20.53
C PRO A 31 -6.09 -6.11 21.01
N GLU A 32 -5.38 -5.72 22.07
CA GLU A 32 -5.24 -4.32 22.46
C GLU A 32 -4.84 -3.31 21.33
N ARG A 33 -5.39 -2.10 21.38
CA ARG A 33 -5.14 -1.10 20.35
C ARG A 33 -4.80 0.23 20.98
N PRO A 34 -3.67 0.86 20.61
CA PRO A 34 -2.68 0.48 19.62
C PRO A 34 -1.80 -0.62 20.17
N PHE A 35 -1.25 -1.44 19.27
CA PHE A 35 -0.31 -2.47 19.63
C PHE A 35 0.94 -2.14 18.82
N MET A 36 2.11 -2.18 19.44
CA MET A 36 3.34 -1.89 18.72
C MET A 36 4.35 -3.00 18.95
N ASP A 37 5.08 -3.35 17.92
CA ASP A 37 6.19 -4.30 18.05
C ASP A 37 7.40 -3.81 17.25
N TYR A 38 8.56 -4.41 17.46
CA TYR A 38 9.82 -3.86 17.00
C TYR A 38 10.64 -5.04 16.47
N PHE A 39 11.27 -4.87 15.34
CA PHE A 39 12.08 -5.93 14.76
C PHE A 39 13.06 -5.31 13.78
N ASP A 40 13.80 -6.11 13.05
CA ASP A 40 14.71 -5.63 12.02
C ASP A 40 14.39 -6.31 10.75
N GLY A 41 14.78 -5.70 9.65
CA GLY A 41 14.50 -6.27 8.37
C GLY A 41 14.98 -5.50 7.18
N VAL A 42 14.74 -6.10 6.01
CA VAL A 42 14.98 -5.47 4.76
C VAL A 42 13.60 -5.20 4.08
N LEU A 43 13.42 -3.99 3.55
CA LEU A 43 12.23 -3.56 2.86
C LEU A 43 12.53 -3.41 1.38
N MET A 44 11.57 -3.78 0.52
CA MET A 44 11.64 -3.57 -0.89
C MET A 44 10.36 -2.89 -1.30
N PHE A 45 10.47 -1.79 -1.99
CA PHE A 45 9.29 -1.01 -2.48
C PHE A 45 9.43 -1.04 -4.01
N VAL A 46 8.48 -1.70 -4.67
CA VAL A 46 8.46 -1.98 -6.15
C VAL A 46 7.30 -1.16 -6.73
N ASP A 47 7.60 -0.32 -7.68
CA ASP A 47 6.60 0.49 -8.39
C ASP A 47 6.63 0.20 -9.88
N ILE A 48 5.48 -0.22 -10.44
CA ILE A 48 5.31 -0.27 -11.88
C ILE A 48 4.88 1.11 -12.37
N SER A 49 5.59 1.67 -13.29
CA SER A 49 5.09 2.90 -13.82
C SER A 49 4.29 2.61 -15.07
N GLY A 50 3.31 3.48 -15.32
CA GLY A 50 2.56 3.50 -16.58
C GLY A 50 1.13 3.04 -16.43
N PHE A 51 0.82 2.37 -15.34
CA PHE A 51 -0.52 1.86 -15.22
C PHE A 51 -1.45 2.97 -14.95
N THR A 52 -0.99 3.98 -14.25
CA THR A 52 -1.91 5.11 -14.02
C THR A 52 -2.48 5.68 -15.32
N ALA A 53 -1.63 5.91 -16.34
CA ALA A 53 -2.09 6.34 -17.67
C ALA A 53 -2.88 5.29 -18.40
N MET A 54 -2.53 4.03 -18.23
CA MET A 54 -3.33 2.98 -18.87
C MET A 54 -4.77 3.03 -18.37
N THR A 55 -4.92 3.38 -17.09
CA THR A 55 -6.20 3.43 -16.52
C THR A 55 -7.05 4.37 -17.29
N GLU A 56 -6.58 5.58 -17.58
CA GLU A 56 -7.43 6.53 -18.30
C GLU A 56 -7.80 6.00 -19.70
N LYS A 57 -6.84 5.41 -20.38
CA LYS A 57 -7.09 4.83 -21.66
C LYS A 57 -8.08 3.64 -21.65
N PHE A 58 -8.13 2.86 -20.58
CA PHE A 58 -9.09 1.70 -20.55
C PHE A 58 -10.56 2.14 -20.38
N SER A 59 -10.77 3.42 -20.09
CA SER A 59 -12.14 3.96 -20.20
C SER A 59 -12.61 4.30 -21.62
N SER A 60 -11.72 4.25 -22.61
CA SER A 60 -12.07 4.77 -23.93
C SER A 60 -12.93 3.74 -24.65
N ALA A 61 -13.54 4.19 -25.74
CA ALA A 61 -14.53 3.39 -26.42
C ALA A 61 -13.91 2.12 -26.97
N MET A 62 -12.59 2.13 -27.22
CA MET A 62 -12.02 0.95 -27.87
C MET A 62 -12.13 -0.33 -27.05
N TYR A 63 -12.19 -0.15 -25.74
CA TYR A 63 -12.33 -1.29 -24.77
C TYR A 63 -13.77 -1.84 -24.59
N MET A 64 -14.73 -1.16 -25.23
CA MET A 64 -16.07 -1.70 -25.40
C MET A 64 -16.67 -2.06 -24.07
N ASP A 65 -16.60 -1.13 -23.13
CA ASP A 65 -17.14 -1.34 -21.77
C ASP A 65 -16.54 -2.56 -21.04
N ARG A 66 -15.41 -3.14 -21.49
CA ARG A 66 -14.73 -4.13 -20.67
C ARG A 66 -13.41 -3.59 -20.24
N GLY A 67 -13.34 -2.29 -20.07
CA GLY A 67 -12.08 -1.72 -19.61
C GLY A 67 -11.61 -2.19 -18.25
N ALA A 68 -12.50 -2.24 -17.27
CA ALA A 68 -12.09 -2.73 -15.95
C ALA A 68 -11.57 -4.15 -15.96
N GLU A 69 -12.28 -5.01 -16.71
CA GLU A 69 -11.86 -6.41 -16.84
C GLU A 69 -10.53 -6.56 -17.52
N GLN A 70 -10.34 -5.81 -18.58
CA GLN A 70 -9.05 -5.87 -19.34
C GLN A 70 -7.92 -5.29 -18.49
N LEU A 71 -8.19 -4.21 -17.77
CA LEU A 71 -7.17 -3.59 -16.94
CA LEU A 71 -7.18 -3.59 -16.93
C LEU A 71 -6.71 -4.52 -15.85
N VAL A 72 -7.62 -5.10 -15.11
CA VAL A 72 -7.22 -5.94 -14.02
C VAL A 72 -6.50 -7.19 -14.47
N GLU A 73 -6.92 -7.73 -15.61
CA GLU A 73 -6.21 -8.87 -16.18
C GLU A 73 -4.76 -8.58 -16.53
N ILE A 74 -4.54 -7.53 -17.30
CA ILE A 74 -3.15 -7.23 -17.72
C ILE A 74 -2.35 -6.80 -16.51
N LEU A 75 -2.94 -6.04 -15.63
CA LEU A 75 -2.18 -5.67 -14.39
C LEU A 75 -1.80 -6.89 -13.55
N ASN A 76 -2.79 -7.75 -13.28
CA ASN A 76 -2.51 -8.92 -12.47
C ASN A 76 -1.53 -9.90 -13.11
N TYR A 77 -1.50 -9.93 -14.42
CA TYR A 77 -0.56 -10.79 -15.13
C TYR A 77 0.88 -10.37 -14.79
N HIS A 78 1.09 -9.09 -14.84
CA HIS A 78 2.42 -8.54 -14.52
C HIS A 78 2.71 -8.55 -13.04
N ILE A 79 1.79 -8.04 -12.22
CA ILE A 79 2.01 -8.00 -10.81
C ILE A 79 2.19 -9.42 -10.22
N SER A 80 1.41 -10.39 -10.70
CA SER A 80 1.57 -11.79 -10.26
C SER A 80 3.00 -12.29 -10.42
N ALA A 81 3.61 -12.01 -11.56
CA ALA A 81 5.00 -12.41 -11.76
C ALA A 81 6.01 -11.78 -10.78
N ILE A 82 5.81 -10.53 -10.40
CA ILE A 82 6.63 -9.86 -9.37
C ILE A 82 6.37 -10.49 -8.01
N VAL A 83 5.12 -10.76 -7.70
CA VAL A 83 4.76 -11.41 -6.47
C VAL A 83 5.41 -12.78 -6.33
N GLU A 84 5.38 -13.58 -7.38
CA GLU A 84 6.04 -14.84 -7.37
C GLU A 84 7.48 -14.74 -7.05
N LYS A 85 8.19 -13.83 -7.68
CA LYS A 85 9.63 -13.67 -7.34
C LYS A 85 9.89 -13.27 -5.93
N VAL A 86 9.15 -12.30 -5.42
CA VAL A 86 9.27 -11.91 -4.03
C VAL A 86 9.07 -13.14 -3.13
N LEU A 87 8.00 -13.89 -3.33
CA LEU A 87 7.70 -15.03 -2.47
C LEU A 87 8.77 -16.15 -2.53
N ILE A 88 9.24 -16.46 -3.74
CA ILE A 88 10.20 -17.53 -3.97
C ILE A 88 11.56 -17.16 -3.34
N PHE A 89 11.88 -15.85 -3.27
CA PHE A 89 13.09 -15.31 -2.63
C PHE A 89 12.91 -15.11 -1.14
N GLY A 90 11.71 -15.44 -0.63
CA GLY A 90 11.50 -15.53 0.77
C GLY A 90 10.89 -14.31 1.42
N GLY A 91 10.39 -13.38 0.60
CA GLY A 91 9.84 -12.16 1.13
C GLY A 91 8.39 -12.27 1.56
N ASP A 92 7.91 -11.28 2.35
CA ASP A 92 6.51 -11.20 2.76
C ASP A 92 5.94 -9.94 2.18
N ILE A 93 4.94 -10.04 1.28
CA ILE A 93 4.33 -8.88 0.75
C ILE A 93 3.45 -8.24 1.78
N LEU A 94 3.78 -7.02 2.20
CA LEU A 94 2.99 -6.33 3.27
C LEU A 94 1.66 -5.68 2.78
N LYS A 95 1.74 -5.00 1.65
CA LYS A 95 0.63 -4.25 1.10
C LYS A 95 0.85 -3.99 -0.35
N PHE A 96 -0.28 -3.84 -1.08
CA PHE A 96 -0.31 -3.33 -2.41
C PHE A 96 -0.98 -1.95 -2.37
N ALA A 97 -0.45 -1.05 -3.16
CA ALA A 97 -1.02 0.35 -3.30
C ALA A 97 -0.94 0.64 -4.74
N GLY A 98 -2.06 0.51 -5.43
CA GLY A 98 -2.13 0.82 -6.84
C GLY A 98 -1.32 -0.20 -7.66
N ASP A 99 -0.36 0.33 -8.42
CA ASP A 99 0.57 -0.52 -9.18
C ASP A 99 1.93 -0.73 -8.47
N ALA A 100 1.94 -0.50 -7.16
CA ALA A 100 3.14 -0.67 -6.33
C ALA A 100 2.91 -1.65 -5.21
N LEU A 101 4.01 -2.15 -4.65
CA LEU A 101 3.89 -2.98 -3.46
C LEU A 101 5.09 -2.81 -2.59
N LEU A 102 4.92 -3.20 -1.33
CA LEU A 102 5.98 -3.11 -0.34
C LEU A 102 6.16 -4.49 0.27
N ALA A 103 7.40 -5.00 0.27
CA ALA A 103 7.75 -6.33 0.78
C ALA A 103 8.82 -6.24 1.88
N LEU A 104 8.77 -7.20 2.78
CA LEU A 104 9.61 -7.27 3.94
C LEU A 104 10.29 -8.62 4.08
N TRP A 105 11.59 -8.60 4.40
CA TRP A 105 12.34 -9.78 4.88
C TRP A 105 12.72 -9.47 6.32
N ARG A 106 11.97 -10.02 7.26
CA ARG A 106 12.24 -9.83 8.67
C ARG A 106 13.25 -10.83 9.14
N VAL A 107 14.33 -10.37 9.70
CA VAL A 107 15.35 -11.25 10.21
C VAL A 107 16.03 -10.66 11.41
N GLU A 108 16.77 -11.53 12.08
CA GLU A 108 17.58 -11.06 13.17
C GLU A 108 18.69 -10.24 12.56
N ARG A 109 19.12 -9.29 13.36
CA ARG A 109 20.08 -8.29 13.01
C ARG A 109 21.42 -8.82 12.36
N LYS A 110 21.99 -9.88 12.89
CA LYS A 110 23.20 -10.47 12.33
C LYS A 110 23.02 -10.99 10.94
N GLN A 111 21.79 -11.23 10.51
CA GLN A 111 21.57 -11.79 9.18
C GLN A 111 21.18 -10.74 8.13
N LEU A 112 21.17 -9.48 8.49
CA LEU A 112 20.77 -8.46 7.57
C LEU A 112 21.71 -8.40 6.38
N LYS A 113 23.01 -8.51 6.63
CA LYS A 113 23.94 -8.40 5.54
C LYS A 113 23.66 -9.44 4.47
N ASN A 114 23.51 -10.69 4.86
CA ASN A 114 23.31 -11.73 3.86
C ASN A 114 21.93 -11.62 3.18
N ILE A 115 20.92 -11.26 3.95
CA ILE A 115 19.58 -11.13 3.40
C ILE A 115 19.49 -9.99 2.42
N ILE A 116 20.18 -8.89 2.68
CA ILE A 116 20.26 -7.84 1.66
C ILE A 116 20.75 -8.38 0.29
N THR A 117 21.70 -9.29 0.26
CA THR A 117 22.18 -9.89 -1.03
C THR A 117 21.06 -10.63 -1.76
N VAL A 118 20.33 -11.41 -1.00
CA VAL A 118 19.13 -12.10 -1.45
C VAL A 118 18.12 -11.13 -2.07
N VAL A 119 17.86 -10.04 -1.38
CA VAL A 119 16.84 -9.12 -1.82
C VAL A 119 17.34 -8.38 -3.06
N ILE A 120 18.62 -8.06 -3.11
CA ILE A 120 19.18 -7.44 -4.32
C ILE A 120 19.09 -8.36 -5.54
N LYS A 121 19.38 -9.61 -5.33
CA LYS A 121 19.24 -10.57 -6.41
C LYS A 121 17.78 -10.66 -6.91
N CYS A 122 16.86 -10.75 -5.96
CA CYS A 122 15.45 -10.74 -6.25
C CYS A 122 15.12 -9.51 -7.11
N SER A 123 15.56 -8.36 -6.67
CA SER A 123 15.22 -7.13 -7.36
C SER A 123 15.74 -7.07 -8.80
N LEU A 124 16.91 -7.66 -9.01
CA LEU A 124 17.54 -7.70 -10.32
C LEU A 124 16.86 -8.66 -11.26
N GLU A 125 16.43 -9.80 -10.76
CA GLU A 125 15.51 -10.62 -11.49
C GLU A 125 14.18 -9.98 -11.77
N ILE A 126 13.60 -9.24 -10.83
CA ILE A 126 12.37 -8.49 -11.09
C ILE A 126 12.59 -7.46 -12.21
N HIS A 127 13.64 -6.66 -12.07
CA HIS A 127 13.99 -5.69 -13.13
C HIS A 127 14.09 -6.42 -14.51
N GLY A 128 14.65 -7.63 -14.50
CA GLY A 128 14.69 -8.55 -15.64
C GLY A 128 13.41 -8.92 -16.37
N LEU A 129 12.35 -9.28 -15.66
CA LEU A 129 11.08 -9.63 -16.29
C LEU A 129 10.58 -8.48 -17.18
N PHE A 130 11.01 -7.24 -16.91
CA PHE A 130 10.54 -6.08 -17.66
C PHE A 130 11.71 -5.39 -18.36
N GLU A 131 12.19 -6.02 -19.43
CA GLU A 131 13.39 -5.57 -20.19
C GLU A 131 13.10 -4.50 -21.27
N LEU A 139 1.40 -1.87 -23.37
CA LEU A 139 2.38 -1.95 -22.29
C LEU A 139 3.66 -1.11 -22.58
N ASP A 140 3.73 0.11 -22.02
CA ASP A 140 4.98 0.93 -21.84
C ASP A 140 5.39 1.00 -20.32
N ILE A 141 5.70 -0.15 -19.75
CA ILE A 141 5.78 -0.30 -18.30
C ILE A 141 7.19 -0.55 -17.84
N ARG A 142 7.61 0.24 -16.87
CA ARG A 142 8.94 0.12 -16.35
C ARG A 142 8.78 -0.19 -14.85
N VAL A 143 9.78 -0.75 -14.21
CA VAL A 143 9.72 -0.99 -12.80
C VAL A 143 10.86 -0.23 -12.13
N LYS A 144 10.54 0.39 -11.01
CA LYS A 144 11.55 1.07 -10.16
C LYS A 144 11.52 0.42 -8.75
N ILE A 145 12.67 0.23 -8.14
CA ILE A 145 12.77 -0.49 -6.85
C ILE A 145 13.61 0.28 -5.88
N GLY A 146 13.07 0.53 -4.71
CA GLY A 146 13.82 1.09 -3.62
C GLY A 146 14.00 0.00 -2.57
N LEU A 147 15.20 -0.09 -2.01
CA LEU A 147 15.54 -1.02 -0.88
C LEU A 147 16.04 -0.28 0.39
N ALA A 148 15.64 -0.74 1.57
CA ALA A 148 16.13 -0.17 2.81
C ALA A 148 16.33 -1.32 3.76
N ALA A 149 17.08 -1.06 4.81
CA ALA A 149 17.31 -2.06 5.84
C ALA A 149 17.57 -1.36 7.15
N GLY A 150 17.18 -2.04 8.23
CA GLY A 150 17.39 -1.62 9.61
C GLY A 150 16.22 -1.88 10.53
N HIS A 151 16.11 -1.04 11.56
CA HIS A 151 15.08 -1.19 12.57
C HIS A 151 13.73 -0.84 11.93
N ILE A 152 12.73 -1.61 12.29
CA ILE A 152 11.37 -1.40 11.80
C ILE A 152 10.45 -1.57 12.98
N SER A 153 9.48 -0.67 13.09
CA SER A 153 8.40 -0.83 14.01
C SER A 153 7.10 -1.17 13.28
N MET A 154 6.21 -1.90 13.94
CA MET A 154 4.87 -2.20 13.44
C MET A 154 3.83 -1.63 14.42
N LEU A 155 2.80 -1.00 13.88
CA LEU A 155 1.67 -0.55 14.67
C LEU A 155 0.43 -1.28 14.18
N VAL A 156 -0.41 -1.77 15.11
CA VAL A 156 -1.72 -2.27 14.77
C VAL A 156 -2.71 -1.38 15.51
N PHE A 157 -3.72 -0.88 14.78
CA PHE A 157 -4.66 0.05 15.34
C PHE A 157 -6.02 -0.38 14.86
N GLY A 158 -7.04 0.05 15.58
CA GLY A 158 -8.35 -0.34 15.17
C GLY A 158 -9.32 -0.37 16.28
N ASP A 159 -10.50 -0.87 15.97
CA ASP A 159 -11.53 -1.03 16.96
C ASP A 159 -11.98 -2.46 17.14
N GLU A 160 -13.20 -2.68 17.68
CA GLU A 160 -13.52 -4.03 18.01
C GLU A 160 -13.80 -4.89 16.77
N THR A 161 -14.14 -4.29 15.63
CA THR A 161 -14.43 -5.06 14.46
C THR A 161 -13.50 -4.83 13.23
N HIS A 162 -12.56 -3.87 13.31
CA HIS A 162 -11.67 -3.57 12.21
C HIS A 162 -10.27 -3.38 12.71
N SER A 163 -9.32 -3.87 11.96
CA SER A 163 -7.91 -3.74 12.27
C SER A 163 -7.13 -3.22 11.07
N HIS A 164 -6.04 -2.52 11.32
CA HIS A 164 -5.19 -2.02 10.27
C HIS A 164 -3.81 -2.10 10.81
N PHE A 165 -2.81 -2.29 9.94
CA PHE A 165 -1.43 -2.22 10.41
C PHE A 165 -0.60 -1.28 9.56
N LEU A 166 0.53 -0.87 10.13
CA LEU A 166 1.50 -0.02 9.45
C LEU A 166 2.87 -0.41 9.89
N VAL A 167 3.87 -0.26 9.00
CA VAL A 167 5.26 -0.24 9.46
C VAL A 167 5.78 1.21 9.48
N ILE A 168 6.71 1.46 10.38
CA ILE A 168 7.12 2.81 10.81
C ILE A 168 8.61 2.79 11.07
N GLY A 169 9.26 3.91 10.82
CA GLY A 169 10.64 4.19 11.22
C GLY A 169 11.53 4.59 10.06
N GLN A 170 12.82 4.72 10.35
CA GLN A 170 13.70 5.37 9.38
C GLN A 170 13.81 4.52 8.13
N ALA A 171 13.86 3.21 8.31
CA ALA A 171 13.95 2.29 7.17
C ALA A 171 12.75 2.38 6.25
N VAL A 172 11.58 2.55 6.86
CA VAL A 172 10.36 2.78 6.10
C VAL A 172 10.45 4.09 5.31
N ASP A 173 10.84 5.19 5.96
CA ASP A 173 10.98 6.50 5.29
C ASP A 173 12.03 6.30 4.19
N ASP A 174 13.10 5.60 4.52
CA ASP A 174 14.21 5.43 3.57
C ASP A 174 13.75 4.70 2.33
N VAL A 175 12.95 3.63 2.49
CA VAL A 175 12.60 2.83 1.29
C VAL A 175 11.77 3.63 0.26
N ARG A 176 10.99 4.55 0.80
CA ARG A 176 10.18 5.46 -0.03
C ARG A 176 11.06 6.50 -0.76
N LEU A 177 12.04 7.02 -0.04
CA LEU A 177 12.99 8.04 -0.59
C LEU A 177 13.79 7.41 -1.72
N ALA A 178 14.24 6.19 -1.48
CA ALA A 178 15.01 5.45 -2.43
C ALA A 178 14.24 5.17 -3.70
N GLN A 179 13.03 4.64 -3.56
CA GLN A 179 12.17 4.40 -4.72
C GLN A 179 11.84 5.70 -5.55
N ASN A 180 11.53 6.79 -4.86
CA ASN A 180 11.34 8.09 -5.48
C ASN A 180 12.53 8.69 -6.22
N MET A 181 13.78 8.36 -5.86
CA MET A 181 14.95 8.78 -6.67
C MET A 181 15.17 7.83 -7.83
N ALA A 182 14.58 6.65 -7.80
CA ALA A 182 14.92 5.70 -8.84
C ALA A 182 14.41 6.20 -10.21
N GLN A 183 15.23 6.06 -11.24
CA GLN A 183 14.79 6.26 -12.61
C GLN A 183 14.25 4.92 -12.97
N MET A 184 13.59 4.86 -14.09
CA MET A 184 13.09 3.59 -14.52
C MET A 184 14.20 2.58 -14.56
N ASN A 185 13.91 1.43 -14.01
CA ASN A 185 14.73 0.26 -13.99
C ASN A 185 15.87 0.27 -13.01
N ASP A 186 15.96 1.33 -12.24
CA ASP A 186 16.97 1.41 -11.19
C ASP A 186 16.54 0.54 -10.02
N VAL A 187 17.52 -0.03 -9.35
CA VAL A 187 17.38 -0.52 -8.00
C VAL A 187 18.24 0.41 -7.15
N ILE A 188 17.62 1.10 -6.22
CA ILE A 188 18.35 2.00 -5.33
C ILE A 188 18.41 1.48 -3.88
N LEU A 189 19.58 1.61 -3.24
CA LEU A 189 19.76 1.25 -1.85
C LEU A 189 19.76 2.48 -1.00
N SER A 190 19.04 2.45 0.11
CA SER A 190 19.15 3.45 1.18
C SER A 190 20.58 3.57 1.73
N PRO A 191 20.93 4.75 2.26
CA PRO A 191 22.25 4.84 2.84
C PRO A 191 22.55 3.71 3.83
N ASN A 192 21.62 3.39 4.71
CA ASN A 192 21.88 2.40 5.72
C ASN A 192 22.00 1.02 5.08
N CYS A 193 21.18 0.75 4.08
CA CYS A 193 21.24 -0.49 3.34
C CYS A 193 22.62 -0.69 2.71
N TRP A 194 23.14 0.33 2.09
CA TRP A 194 24.46 0.26 1.54
C TRP A 194 25.57 0.09 2.64
N GLN A 195 25.43 0.76 3.79
CA GLN A 195 26.36 0.57 4.93
CA GLN A 195 26.34 0.57 4.95
C GLN A 195 26.31 -0.86 5.51
N LEU A 196 25.19 -1.54 5.38
CA LEU A 196 25.06 -2.86 6.00
C LEU A 196 25.30 -4.02 5.04
N CYS A 197 25.34 -3.72 3.74
CA CYS A 197 25.33 -4.79 2.73
C CYS A 197 26.73 -5.40 2.56
N ASP A 198 26.78 -6.54 1.85
CA ASP A 198 28.02 -7.23 1.56
C ASP A 198 28.70 -6.51 0.40
N ARG A 199 29.49 -5.54 0.75
CA ARG A 199 30.21 -4.74 -0.23
C ARG A 199 31.20 -5.50 -1.09
N SER A 200 31.58 -6.68 -0.73
CA SER A 200 32.54 -7.45 -1.54
C SER A 200 31.85 -8.00 -2.82
N MET A 201 30.52 -7.95 -2.83
CA MET A 201 29.70 -8.51 -3.88
C MET A 201 28.78 -7.55 -4.60
N ILE A 202 28.47 -6.41 -4.02
CA ILE A 202 27.45 -5.55 -4.57
C ILE A 202 28.22 -4.38 -5.16
N GLU A 203 28.31 -4.33 -6.50
CA GLU A 203 28.86 -3.21 -7.20
C GLU A 203 27.78 -2.12 -7.45
N ILE A 204 28.11 -0.89 -7.06
CA ILE A 204 27.22 0.24 -7.08
C ILE A 204 27.79 1.45 -7.80
N GLU A 205 26.91 2.43 -7.98
CA GLU A 205 27.24 3.77 -8.54
C GLU A 205 26.63 4.82 -7.64
N SER A 206 27.35 5.90 -7.41
CA SER A 206 26.87 6.99 -6.56
C SER A 206 25.73 7.69 -7.25
N VAL A 207 24.94 8.42 -6.48
CA VAL A 207 23.75 9.06 -7.00
C VAL A 207 24.01 10.50 -6.59
N PRO A 208 24.03 11.42 -7.57
CA PRO A 208 24.32 12.83 -7.34
C PRO A 208 23.43 13.43 -6.24
N ASP A 209 24.09 14.17 -5.35
CA ASP A 209 23.50 14.85 -4.19
C ASP A 209 22.83 13.90 -3.22
N GLN A 210 23.14 12.61 -3.30
CA GLN A 210 22.50 11.64 -2.44
C GLN A 210 23.52 10.77 -1.84
N ARG A 211 23.21 10.26 -0.65
CA ARG A 211 23.98 9.20 -0.03
C ARG A 211 23.48 7.82 -0.44
N ALA A 212 22.23 7.71 -0.89
CA ALA A 212 21.75 6.44 -1.47
C ALA A 212 22.63 6.10 -2.69
N VAL A 213 22.61 4.84 -3.07
CA VAL A 213 23.36 4.41 -4.23
C VAL A 213 22.52 3.60 -5.12
N LYS A 214 22.97 3.47 -6.33
CA LYS A 214 22.33 2.66 -7.29
C LYS A 214 23.07 1.36 -7.54
N VAL A 215 22.36 0.23 -7.59
CA VAL A 215 22.98 -1.03 -7.95
C VAL A 215 23.35 -1.12 -9.41
N ASN A 216 24.59 -1.49 -9.62
CA ASN A 216 25.10 -1.74 -10.94
C ASN A 216 24.98 -3.27 -11.23
N PHE A 217 25.60 -4.11 -10.40
CA PHE A 217 25.54 -5.56 -10.59
C PHE A 217 26.04 -6.29 -9.38
N LEU A 218 25.77 -7.60 -9.39
CA LEU A 218 26.33 -8.52 -8.45
C LEU A 218 27.65 -9.05 -8.96
N LYS A 219 28.62 -9.18 -8.06
CA LYS A 219 29.98 -9.56 -8.37
C LYS A 219 30.33 -10.73 -7.47
N PRO A 220 29.75 -11.90 -7.72
CA PRO A 220 30.04 -12.93 -6.76
C PRO A 220 31.47 -13.33 -6.78
N PRO A 221 32.01 -13.79 -5.64
CA PRO A 221 33.36 -14.25 -5.62
C PRO A 221 33.47 -15.65 -6.18
N PRO A 222 34.69 -16.11 -6.40
CA PRO A 222 35.04 -17.38 -6.87
C PRO A 222 34.30 -18.56 -6.37
N ASN A 223 34.20 -18.81 -5.09
CA ASN A 223 33.52 -20.12 -4.95
C ASN A 223 31.99 -20.04 -4.90
N PHE A 224 31.49 -18.81 -5.09
CA PHE A 224 30.07 -18.49 -4.77
C PHE A 224 29.06 -19.32 -5.50
N ASN A 225 28.04 -19.80 -4.78
CA ASN A 225 26.95 -20.53 -5.39
C ASN A 225 25.63 -19.97 -4.83
N PHE A 226 24.82 -19.29 -5.64
CA PHE A 226 23.69 -18.56 -5.06
C PHE A 226 22.72 -19.52 -4.43
N ASP A 227 22.47 -20.67 -5.04
CA ASP A 227 21.60 -21.65 -4.47
C ASP A 227 22.02 -22.09 -3.09
N GLU A 228 23.29 -22.40 -2.93
CA GLU A 228 23.76 -22.83 -1.62
C GLU A 228 23.67 -21.72 -0.60
N PHE A 229 23.97 -20.49 -1.00
CA PHE A 229 23.90 -19.33 -0.14
C PHE A 229 22.44 -19.09 0.30
N PHE A 230 21.54 -19.14 -0.67
CA PHE A 230 20.13 -18.96 -0.41
C PHE A 230 19.69 -19.96 0.58
N THR A 231 20.13 -21.20 0.41
CA THR A 231 19.73 -22.23 1.32
C THR A 231 20.15 -21.89 2.76
N LYS A 232 21.37 -21.41 2.95
CA LYS A 232 21.83 -20.97 4.25
C LYS A 232 20.94 -19.91 4.81
N CYS A 233 20.62 -18.89 4.02
CA CYS A 233 19.71 -17.83 4.45
C CYS A 233 18.31 -18.32 4.91
N THR A 234 17.82 -19.42 4.30
CA THR A 234 16.46 -19.97 4.59
C THR A 234 16.41 -20.50 6.04
N THR A 235 17.56 -20.79 6.64
CA THR A 235 17.57 -21.14 8.09
C THR A 235 16.96 -20.09 8.95
N PHE A 236 17.11 -18.85 8.51
CA PHE A 236 16.61 -17.75 9.23
C PHE A 236 15.22 -17.28 8.81
N MET A 237 14.59 -17.97 7.88
CA MET A 237 13.28 -17.55 7.37
C MET A 237 12.18 -18.48 7.94
N HIS A 238 11.41 -17.93 8.87
CA HIS A 238 10.53 -18.76 9.69
C HIS A 238 9.48 -19.50 8.84
N TYR A 239 8.96 -18.85 7.81
CA TYR A 239 7.78 -19.44 7.09
C TYR A 239 8.05 -19.92 5.67
N TYR A 240 9.35 -20.01 5.27
CA TYR A 240 9.69 -20.41 3.93
C TYR A 240 9.13 -21.84 3.64
N PRO A 241 8.31 -22.00 2.58
CA PRO A 241 7.67 -23.31 2.35
C PRO A 241 8.70 -24.38 2.12
N SER A 242 8.57 -25.51 2.81
CA SER A 242 9.67 -26.46 2.73
C SER A 242 9.16 -27.88 2.92
N GLY A 243 10.02 -28.84 2.62
CA GLY A 243 9.69 -30.24 2.80
C GLY A 243 8.52 -30.66 1.97
N GLU A 244 7.53 -31.21 2.62
CA GLU A 244 6.31 -31.61 1.94
C GLU A 244 5.58 -30.42 1.31
N HIS A 245 5.81 -29.22 1.83
CA HIS A 245 5.16 -28.01 1.28
C HIS A 245 6.11 -27.11 0.42
N LYS A 246 7.21 -27.68 -0.05
CA LYS A 246 8.12 -26.90 -0.92
C LYS A 246 7.56 -26.49 -2.31
N ASN A 247 6.44 -27.09 -2.68
CA ASN A 247 5.76 -26.79 -3.94
C ASN A 247 4.74 -25.61 -3.79
N LEU A 248 4.57 -25.04 -2.61
CA LEU A 248 3.64 -23.91 -2.38
C LEU A 248 4.36 -22.60 -2.36
N LEU A 249 3.66 -21.55 -2.78
CA LEU A 249 4.25 -20.23 -2.77
C LEU A 249 4.20 -19.62 -1.36
N ARG A 250 3.21 -20.02 -0.56
CA ARG A 250 3.04 -19.59 0.81
C ARG A 250 2.60 -20.70 1.72
N LEU A 251 3.19 -20.69 2.92
CA LEU A 251 2.77 -21.57 3.99
C LEU A 251 1.31 -21.30 4.33
N ALA A 252 0.90 -20.05 4.19
CA ALA A 252 -0.51 -19.65 4.48
C ALA A 252 -1.53 -20.40 3.67
N THR A 254 -1.64 -23.47 3.64
CA THR A 254 -1.95 -24.65 4.42
C THR A 254 -2.73 -24.33 5.65
N LEU A 255 -3.09 -23.07 5.86
CA LEU A 255 -3.81 -22.73 7.07
C LEU A 255 -5.10 -23.56 7.22
N LYS A 256 -5.40 -23.96 8.42
CA LYS A 256 -6.53 -24.84 8.70
C LYS A 256 -7.59 -24.00 9.43
N PRO A 257 -8.85 -24.35 9.23
CA PRO A 257 -9.89 -23.66 9.97
C PRO A 257 -9.59 -23.50 11.46
N ASP A 258 -9.96 -22.37 12.00
CA ASP A 258 -9.65 -22.05 13.35
C ASP A 258 -10.44 -20.76 13.63
N PRO A 259 -11.60 -20.88 14.23
CA PRO A 259 -12.51 -19.72 14.32
C PRO A 259 -11.93 -18.50 15.04
N GLU A 260 -11.14 -18.71 16.09
CA GLU A 260 -10.41 -17.62 16.78
C GLU A 260 -9.44 -16.82 15.86
N LEU A 261 -8.66 -17.55 15.13
CA LEU A 261 -7.75 -16.96 14.16
C LEU A 261 -8.52 -16.25 13.04
N GLU A 262 -9.57 -16.90 12.55
CA GLU A 262 -10.35 -16.28 11.46
C GLU A 262 -11.02 -15.00 11.96
N MET A 263 -11.61 -15.05 13.14
CA MET A 263 -12.17 -13.82 13.71
C MET A 263 -11.17 -12.67 13.76
N SER A 264 -9.94 -12.96 14.12
CA SER A 264 -8.87 -11.98 14.16
CA SER A 264 -8.89 -11.95 14.17
C SER A 264 -8.49 -11.46 12.77
N LEU A 265 -8.32 -12.36 11.82
CA LEU A 265 -7.88 -11.99 10.51
C LEU A 265 -8.94 -11.29 9.69
N GLN A 266 -10.20 -11.61 9.86
CA GLN A 266 -11.21 -11.01 8.97
C GLN A 266 -11.37 -9.49 9.19
N LYS A 267 -10.98 -9.02 10.38
CA LYS A 267 -11.08 -7.63 10.78
C LYS A 267 -10.25 -6.72 9.89
N TYR A 268 -9.28 -7.30 9.20
CA TYR A 268 -8.47 -6.53 8.25
C TYR A 268 -9.02 -6.38 6.85
N VAL A 269 -10.07 -7.12 6.54
CA VAL A 269 -10.56 -7.28 5.22
C VAL A 269 -11.93 -6.58 5.12
N MET A 270 -12.14 -5.86 4.05
CA MET A 270 -13.42 -5.17 3.78
CA MET A 270 -13.46 -5.18 3.84
C MET A 270 -14.62 -6.11 3.72
N GLU A 271 -15.79 -5.66 4.18
CA GLU A 271 -16.96 -6.50 4.14
C GLU A 271 -17.34 -7.05 2.74
N SER A 272 -17.21 -6.24 1.72
CA SER A 272 -17.62 -6.68 0.39
C SER A 272 -16.67 -7.76 -0.11
N ILE A 273 -15.40 -7.74 0.37
CA ILE A 273 -14.45 -8.80 0.00
C ILE A 273 -14.81 -10.15 0.71
N LEU A 274 -15.20 -10.04 1.98
CA LEU A 274 -15.64 -11.18 2.77
C LEU A 274 -16.90 -11.75 2.14
N LYS A 275 -17.77 -10.90 1.58
CA LYS A 275 -18.96 -11.43 0.92
C LYS A 275 -18.61 -12.32 -0.28
N GLN A 276 -17.63 -11.87 -1.07
CA GLN A 276 -17.14 -12.64 -2.21
C GLN A 276 -16.45 -13.90 -1.83
N ILE A 277 -15.60 -13.81 -0.79
CA ILE A 277 -14.99 -15.03 -0.16
C ILE A 277 -16.02 -16.03 0.30
N ASP A 278 -17.14 -15.54 0.83
CA ASP A 278 -18.18 -16.39 1.28
C ASP A 278 -19.15 -16.93 0.20
N ASN A 279 -18.83 -16.70 -1.06
CA ASN A 279 -19.71 -17.05 -2.23
C ASN A 279 -21.11 -16.55 -2.14
N LYS A 280 -21.24 -15.34 -1.66
CA LYS A 280 -22.48 -14.59 -1.59
C LYS A 280 -22.54 -13.45 -2.59
N GLN A 281 -21.53 -13.30 -3.43
CA GLN A 281 -21.53 -12.27 -4.47
C GLN A 281 -20.61 -12.77 -5.56
N LEU A 282 -20.93 -12.45 -6.80
CA LEU A 282 -20.09 -12.86 -7.94
C LEU A 282 -18.76 -12.13 -7.94
N GLN A 283 -17.67 -12.82 -8.30
CA GLN A 283 -16.27 -12.29 -8.30
C GLN A 283 -16.23 -11.02 -9.20
N GLY A 284 -16.95 -11.05 -10.29
CA GLY A 284 -16.86 -10.00 -11.22
C GLY A 284 -17.11 -8.64 -10.70
N TYR A 285 -17.97 -8.48 -9.68
CA TYR A 285 -18.47 -7.16 -9.45
C TYR A 285 -17.50 -6.29 -8.70
N LEU A 286 -16.44 -6.81 -8.12
CA LEU A 286 -15.50 -5.92 -7.54
C LEU A 286 -14.48 -5.27 -8.46
N SER A 287 -14.39 -5.66 -9.73
CA SER A 287 -13.48 -5.03 -10.70
C SER A 287 -14.29 -4.03 -11.42
N GLU A 288 -13.99 -2.76 -11.22
CA GLU A 288 -14.85 -1.77 -11.91
C GLU A 288 -14.08 -0.50 -12.15
N LEU A 289 -14.52 0.21 -13.17
CA LEU A 289 -14.05 1.55 -13.42
C LEU A 289 -15.21 2.42 -13.11
N ARG A 290 -15.14 3.18 -12.05
CA ARG A 290 -16.34 3.87 -11.61
C ARG A 290 -16.00 5.24 -11.01
N PRO A 291 -17.01 6.12 -11.00
CA PRO A 291 -16.74 7.49 -10.56
C PRO A 291 -16.72 7.42 -9.09
N VAL A 292 -15.63 7.91 -8.49
CA VAL A 292 -15.65 7.98 -7.03
C VAL A 292 -15.05 9.32 -6.59
N THR A 293 -15.08 9.57 -5.31
CA THR A 293 -14.37 10.69 -4.73
C THR A 293 -13.30 10.09 -3.80
N ILE A 294 -12.05 10.50 -3.99
CA ILE A 294 -10.96 10.16 -3.10
C ILE A 294 -10.77 11.27 -2.09
N VAL A 295 -10.67 10.87 -0.84
CA VAL A 295 -10.35 11.76 0.23
C VAL A 295 -9.07 11.28 0.89
N PHE A 296 -7.98 11.99 0.65
CA PHE A 296 -6.66 11.52 1.04
C PHE A 296 -6.24 12.39 2.22
N VAL A 297 -6.16 11.75 3.38
CA VAL A 297 -5.86 12.42 4.63
C VAL A 297 -4.46 12.18 5.11
N ASN A 298 -3.70 13.24 5.40
CA ASN A 298 -2.36 13.13 5.90
C ASN A 298 -2.23 13.74 7.25
N LEU A 299 -1.68 12.95 8.19
CA LEU A 299 -1.40 13.41 9.54
C LEU A 299 0.10 13.52 9.73
N MET A 300 0.58 14.70 10.05
CA MET A 300 2.04 14.87 10.24
C MET A 300 2.38 14.96 11.70
N PHE A 301 3.51 14.39 12.11
CA PHE A 301 3.88 14.36 13.55
C PHE A 301 5.24 15.04 13.65
N GLU A 302 5.60 15.45 14.86
CA GLU A 302 6.97 15.95 15.12
C GLU A 302 8.02 14.89 14.80
N ASP A 303 7.83 13.67 15.31
CA ASP A 303 8.75 12.54 15.01
C ASP A 303 8.04 11.27 14.50
N GLN A 304 8.05 11.06 13.20
CA GLN A 304 7.19 10.01 12.62
C GLN A 304 7.89 8.67 12.60
N ASP A 305 9.08 8.60 13.21
CA ASP A 305 9.83 7.35 13.38
C ASP A 305 9.66 6.74 14.75
N LYS A 306 8.83 7.32 15.61
CA LYS A 306 8.69 6.93 17.01
C LYS A 306 7.35 6.37 17.29
N ALA A 307 7.19 5.08 17.10
CA ALA A 307 5.87 4.44 17.27
C ALA A 307 5.17 4.71 18.59
N GLU A 308 5.91 4.82 19.68
CA GLU A 308 5.25 4.90 20.99
C GLU A 308 4.60 6.26 21.14
N GLU A 309 5.15 7.24 20.44
CA GLU A 309 4.55 8.57 20.34
C GLU A 309 3.38 8.63 19.37
N ILE A 310 3.63 8.13 18.18
CA ILE A 310 2.61 8.27 17.15
C ILE A 310 1.47 7.23 17.19
N GLY A 311 1.71 6.07 17.77
CA GLY A 311 0.69 5.02 17.79
C GLY A 311 -0.58 5.45 18.46
N PRO A 312 -0.49 6.06 19.66
CA PRO A 312 -1.73 6.52 20.33
C PRO A 312 -2.49 7.58 19.50
N ALA A 313 -1.73 8.41 18.81
CA ALA A 313 -2.34 9.46 18.01
C ALA A 313 -3.05 8.92 16.79
N ILE A 314 -2.42 7.97 16.11
CA ILE A 314 -3.03 7.34 14.96
C ILE A 314 -4.31 6.62 15.41
N GLN A 315 -4.26 5.95 16.54
CA GLN A 315 -5.44 5.24 17.03
C GLN A 315 -6.60 6.19 17.31
N ASP A 316 -6.29 7.27 18.02
CA ASP A 316 -7.26 8.32 18.31
C ASP A 316 -7.86 8.93 17.06
N ALA A 317 -7.05 9.28 16.11
CA ALA A 317 -7.52 9.77 14.83
C ALA A 317 -8.37 8.73 14.09
N TYR A 318 -7.88 7.48 14.02
CA TYR A 318 -8.63 6.41 13.42
C TYR A 318 -10.08 6.26 14.02
N MET A 319 -10.21 6.25 15.34
CA MET A 319 -11.49 6.13 15.98
C MET A 319 -12.50 7.18 15.49
N HIS A 320 -12.07 8.42 15.27
CA HIS A 320 -12.97 9.44 14.76
C HIS A 320 -13.16 9.28 13.26
N ILE A 321 -12.08 8.95 12.53
CA ILE A 321 -12.20 8.81 11.07
C ILE A 321 -13.16 7.70 10.68
N THR A 322 -13.08 6.56 11.34
CA THR A 322 -13.92 5.49 10.96
C THR A 322 -15.37 5.83 11.19
N SER A 323 -15.63 6.51 12.28
CA SER A 323 -17.01 6.89 12.62
CA SER A 323 -16.99 6.88 12.62
C SER A 323 -17.62 7.92 11.67
N VAL A 324 -16.88 8.97 11.29
CA VAL A 324 -17.41 9.97 10.38
CA VAL A 324 -17.46 9.94 10.37
C VAL A 324 -17.51 9.43 8.93
N LEU A 325 -16.59 8.55 8.53
CA LEU A 325 -16.67 7.90 7.24
C LEU A 325 -17.99 7.12 7.16
N LYS A 326 -18.28 6.35 8.21
CA LYS A 326 -19.53 5.61 8.27
C LYS A 326 -20.79 6.52 8.08
N ILE A 327 -20.83 7.65 8.76
CA ILE A 327 -21.95 8.63 8.62
C ILE A 327 -22.10 9.16 7.19
N PHE A 328 -20.97 9.47 6.54
CA PHE A 328 -20.92 10.14 5.26
C PHE A 328 -20.74 9.12 4.13
N GLN A 329 -20.84 7.83 4.44
CA GLN A 329 -20.74 6.73 3.43
C GLN A 329 -19.38 6.56 2.74
N GLY A 330 -18.27 6.68 3.46
CA GLY A 330 -16.93 6.51 2.88
C GLY A 330 -16.32 5.30 3.50
N GLN A 331 -15.15 4.91 3.00
CA GLN A 331 -14.40 3.78 3.46
C GLN A 331 -12.92 4.05 3.42
N ILE A 332 -12.19 3.45 4.32
CA ILE A 332 -10.75 3.51 4.31
C ILE A 332 -10.30 2.39 3.38
N ASN A 333 -9.64 2.73 2.29
CA ASN A 333 -9.12 1.74 1.36
C ASN A 333 -7.69 1.28 1.73
N LYS A 334 -6.87 2.18 2.23
CA LYS A 334 -5.48 1.89 2.52
C LYS A 334 -4.89 2.91 3.49
N VAL A 335 -3.93 2.49 4.32
CA VAL A 335 -3.23 3.40 5.15
C VAL A 335 -1.74 3.13 5.04
N PHE A 336 -0.91 4.16 5.01
CA PHE A 336 0.54 3.97 4.96
C PHE A 336 1.22 5.17 5.50
N MET A 337 2.49 5.00 5.77
CA MET A 337 3.35 6.12 6.15
C MET A 337 3.88 6.69 4.84
N PHE A 338 3.74 8.00 4.67
CA PHE A 338 4.47 8.78 3.65
C PHE A 338 5.91 9.17 4.15
N ASP A 339 6.61 9.93 3.29
CA ASP A 339 7.81 10.68 3.70
C ASP A 339 7.44 11.50 4.94
N LYS A 340 6.37 12.29 4.81
CA LYS A 340 5.89 13.08 5.93
C LYS A 340 4.46 12.63 6.16
N GLY A 341 4.30 11.76 7.19
CA GLY A 341 3.04 11.49 7.83
C GLY A 341 2.43 10.11 7.63
N CYS A 342 1.38 9.86 8.39
CA CYS A 342 0.50 8.73 8.21
C CYS A 342 -0.68 9.15 7.30
N SER A 343 -0.90 8.45 6.19
CA SER A 343 -1.93 8.86 5.28
C SER A 343 -3.02 7.80 5.26
N PHE A 344 -4.25 8.24 5.15
CA PHE A 344 -5.40 7.43 4.94
C PHE A 344 -5.99 7.69 3.61
N LEU A 345 -6.05 6.65 2.79
CA LEU A 345 -6.73 6.77 1.48
C LEU A 345 -8.17 6.32 1.63
N CYS A 346 -9.09 7.29 1.57
CA CYS A 346 -10.49 7.08 1.81
C CYS A 346 -11.24 7.28 0.53
N VAL A 347 -12.30 6.52 0.36
CA VAL A 347 -13.05 6.46 -0.90
C VAL A 347 -14.53 6.56 -0.65
N PHE A 348 -15.18 7.44 -1.42
CA PHE A 348 -16.63 7.57 -1.42
C PHE A 348 -17.20 7.19 -2.75
N GLY A 349 -18.27 6.40 -2.74
CA GLY A 349 -18.92 5.85 -3.94
C GLY A 349 -18.64 4.38 -4.36
N PHE A 350 -17.73 3.64 -3.70
CA PHE A 350 -17.34 2.25 -4.16
C PHE A 350 -18.41 1.18 -3.80
N PRO A 351 -18.14 -0.14 -4.06
CA PRO A 351 -19.15 -1.23 -4.33
C PRO A 351 -20.34 -1.41 -3.37
N GLY A 352 -21.47 -0.72 -3.60
CA GLY A 352 -22.60 -0.74 -2.67
C GLY A 352 -22.94 0.64 -2.09
N GLU A 353 -21.92 1.38 -1.63
CA GLU A 353 -22.10 2.77 -1.17
C GLU A 353 -22.13 3.72 -2.38
N LYS A 354 -23.17 4.53 -2.50
CA LYS A 354 -23.34 5.42 -3.66
C LYS A 354 -24.48 6.44 -3.45
N VAL A 355 -24.38 7.65 -4.02
CA VAL A 355 -25.45 8.69 -3.95
C VAL A 355 -25.16 9.82 -4.98
N PRO A 356 -26.14 10.72 -5.21
CA PRO A 356 -25.77 12.14 -5.42
C PRO A 356 -25.50 12.81 -4.02
N ASP A 357 -24.84 13.98 -3.99
CA ASP A 357 -24.41 14.60 -2.70
C ASP A 357 -23.27 13.83 -2.09
N GLU A 358 -22.85 12.78 -2.79
CA GLU A 358 -21.64 12.12 -2.54
C GLU A 358 -20.54 13.19 -2.41
N LEU A 359 -20.48 14.15 -3.32
CA LEU A 359 -19.44 15.20 -3.29
C LEU A 359 -19.52 16.09 -2.07
N THR A 360 -20.72 16.55 -1.76
CA THR A 360 -20.93 17.31 -0.56
C THR A 360 -20.50 16.51 0.70
N HIS A 361 -20.82 15.25 0.71
CA HIS A 361 -20.56 14.45 1.86
C HIS A 361 -19.09 14.27 2.01
N ALA A 362 -18.43 14.01 0.91
CA ALA A 362 -16.98 13.89 0.91
C ALA A 362 -16.37 15.16 1.53
N LEU A 363 -16.85 16.34 1.15
CA LEU A 363 -16.28 17.55 1.64
C LEU A 363 -16.58 17.82 3.12
N GLU A 364 -17.82 17.59 3.56
CA GLU A 364 -18.16 17.71 4.95
C GLU A 364 -17.44 16.75 5.86
N CYS A 365 -17.30 15.50 5.42
CA CYS A 365 -16.54 14.48 6.10
C CYS A 365 -15.06 14.91 6.23
N ALA A 366 -14.52 15.46 5.14
CA ALA A 366 -13.15 15.92 5.15
C ALA A 366 -12.94 17.02 6.17
N MET A 367 -13.85 17.97 6.18
CA MET A 367 -13.71 19.08 7.15
C MET A 367 -13.81 18.60 8.58
N ASP A 368 -14.74 17.71 8.84
CA ASP A 368 -14.87 17.14 10.16
C ASP A 368 -13.61 16.41 10.60
N ILE A 369 -13.06 15.56 9.73
CA ILE A 369 -11.81 14.90 10.04
C ILE A 369 -10.71 15.93 10.33
N PHE A 370 -10.61 16.96 9.50
CA PHE A 370 -9.61 18.04 9.68
C PHE A 370 -9.72 18.71 11.04
N ASP A 371 -10.93 19.07 11.43
CA ASP A 371 -11.16 19.78 12.73
C ASP A 371 -10.84 18.91 13.93
N PHE A 372 -11.26 17.66 13.86
CA PHE A 372 -10.99 16.75 14.97
C PHE A 372 -9.52 16.37 15.08
N CYS A 373 -8.92 15.90 13.97
CA CYS A 373 -7.56 15.46 14.00
C CYS A 373 -6.57 16.58 14.29
N SER A 374 -6.88 17.83 13.88
CA SER A 374 -5.99 18.94 14.21
C SER A 374 -5.80 19.13 15.75
N GLN A 375 -6.75 18.64 16.54
CA GLN A 375 -6.69 18.74 18.03
C GLN A 375 -6.25 17.49 18.74
N VAL A 376 -5.87 16.45 18.04
CA VAL A 376 -5.37 15.22 18.67
C VAL A 376 -3.91 15.48 19.07
N HIS A 377 -3.58 15.15 20.31
CA HIS A 377 -2.24 15.37 20.82
C HIS A 377 -1.20 14.68 19.98
N LYS A 378 -0.17 15.43 19.63
CA LYS A 378 0.95 14.98 18.85
C LYS A 378 0.69 15.01 17.36
N ILE A 379 -0.50 15.34 16.91
CA ILE A 379 -0.65 15.51 15.46
C ILE A 379 -0.26 17.01 15.20
N GLN A 380 0.78 17.29 14.45
CA GLN A 380 1.27 18.66 14.26
C GLN A 380 0.44 19.37 13.18
N THR A 381 0.18 18.68 12.09
CA THR A 381 -0.56 19.22 10.94
C THR A 381 -1.43 18.15 10.25
N VAL A 382 -2.62 18.55 9.85
CA VAL A 382 -3.53 17.69 9.08
C VAL A 382 -3.69 18.31 7.67
N SER A 383 -3.61 17.50 6.64
CA SER A 383 -3.81 17.99 5.30
C SER A 383 -4.75 17.00 4.57
N ILE A 384 -5.70 17.46 3.78
CA ILE A 384 -6.60 16.57 3.10
C ILE A 384 -6.83 17.02 1.70
N GLY A 385 -6.65 16.10 0.74
CA GLY A 385 -6.92 16.37 -0.66
C GLY A 385 -8.10 15.60 -1.11
N VAL A 386 -9.05 16.27 -1.81
CA VAL A 386 -10.30 15.61 -2.27
C VAL A 386 -10.40 15.73 -3.81
N ALA A 387 -10.51 14.61 -4.49
CA ALA A 387 -10.56 14.63 -5.95
C ALA A 387 -11.54 13.58 -6.40
N SER A 388 -12.19 13.85 -7.52
CA SER A 388 -13.32 13.04 -7.96
CA SER A 388 -13.31 13.03 -7.95
C SER A 388 -13.19 12.72 -9.46
N GLY A 389 -13.37 11.46 -9.80
CA GLY A 389 -13.31 11.06 -11.24
C GLY A 389 -13.45 9.54 -11.31
N ILE A 390 -13.15 9.03 -12.50
CA ILE A 390 -13.26 7.59 -12.76
C ILE A 390 -12.02 6.96 -12.27
N VAL A 391 -12.15 5.94 -11.43
CA VAL A 391 -10.96 5.28 -10.92
CA VAL A 391 -11.00 5.29 -10.85
C VAL A 391 -11.21 3.78 -11.03
N PHE A 392 -10.13 3.05 -11.18
CA PHE A 392 -10.20 1.59 -11.18
C PHE A 392 -10.22 1.08 -9.75
N CYS A 393 -11.15 0.19 -9.42
CA CYS A 393 -11.27 -0.45 -8.10
C CYS A 393 -11.20 -1.96 -8.37
N GLY A 394 -10.35 -2.69 -7.65
CA GLY A 394 -10.35 -4.11 -7.83
C GLY A 394 -9.32 -4.84 -6.99
N ILE A 395 -9.36 -6.16 -7.02
CA ILE A 395 -8.35 -6.98 -6.36
C ILE A 395 -7.10 -7.16 -7.19
N VAL A 396 -5.99 -6.69 -6.68
CA VAL A 396 -4.72 -6.70 -7.43
C VAL A 396 -3.71 -7.62 -6.76
N GLY A 397 -3.00 -8.37 -7.55
CA GLY A 397 -1.96 -9.22 -7.08
C GLY A 397 -2.08 -10.64 -7.65
N HIS A 398 -1.65 -11.60 -6.85
CA HIS A 398 -1.51 -13.01 -7.27
C HIS A 398 -2.65 -13.73 -6.57
N THR A 399 -3.07 -14.86 -7.09
CA THR A 399 -4.03 -15.69 -6.41
C THR A 399 -3.69 -15.91 -4.91
N VAL A 400 -2.43 -16.15 -4.56
CA VAL A 400 -2.08 -16.43 -3.17
C VAL A 400 -1.78 -15.19 -2.31
N ARG A 401 -1.69 -14.01 -2.92
CA ARG A 401 -1.42 -12.81 -2.22
C ARG A 401 -1.89 -11.59 -3.05
N HIS A 402 -2.99 -10.99 -2.60
CA HIS A 402 -3.64 -9.92 -3.33
C HIS A 402 -4.44 -9.07 -2.39
N GLU A 403 -4.81 -7.86 -2.83
CA GLU A 403 -5.61 -6.93 -2.01
C GLU A 403 -6.47 -6.05 -2.89
N TYR A 404 -7.54 -5.56 -2.30
CA TYR A 404 -8.34 -4.55 -2.94
C TYR A 404 -7.65 -3.22 -2.93
N THR A 405 -7.63 -2.56 -4.05
CA THR A 405 -6.93 -1.29 -4.18
C THR A 405 -7.62 -0.41 -5.27
N VAL A 406 -7.18 0.82 -5.37
CA VAL A 406 -7.68 1.78 -6.39
C VAL A 406 -6.50 2.36 -7.14
N ILE A 407 -6.73 2.64 -8.42
CA ILE A 407 -5.72 3.17 -9.28
C ILE A 407 -6.41 4.23 -10.13
N GLY A 408 -5.76 5.34 -10.27
CA GLY A 408 -6.31 6.38 -11.15
C GLY A 408 -5.65 7.73 -10.98
N GLN A 409 -5.74 8.53 -12.00
CA GLN A 409 -5.14 9.84 -11.99
C GLN A 409 -5.70 10.68 -10.82
N LYS A 410 -6.99 10.52 -10.49
CA LYS A 410 -7.56 11.26 -9.37
C LYS A 410 -7.04 10.82 -7.99
N VAL A 411 -6.56 9.55 -7.87
CA VAL A 411 -5.95 9.11 -6.65
C VAL A 411 -4.66 9.83 -6.48
N ASN A 412 -3.84 9.88 -7.54
CA ASN A 412 -2.58 10.56 -7.52
CA ASN A 412 -2.57 10.59 -7.52
C ASN A 412 -2.78 12.09 -7.26
N LEU A 413 -3.80 12.64 -7.85
CA LEU A 413 -4.01 14.11 -7.74
C LEU A 413 -4.34 14.40 -6.29
N ALA A 414 -5.26 13.65 -5.66
CA ALA A 414 -5.57 13.88 -4.25
C ALA A 414 -4.33 13.77 -3.35
N ALA A 415 -3.52 12.76 -3.58
CA ALA A 415 -2.25 12.61 -2.83
C ALA A 415 -1.32 13.79 -2.98
N ARG A 416 -1.15 14.28 -4.20
CA ARG A 416 -0.31 15.43 -4.46
C ARG A 416 -0.87 16.72 -3.87
N MET A 417 -2.19 16.84 -3.90
CA MET A 417 -2.84 18.03 -3.31
C MET A 417 -2.58 18.12 -1.83
N MET A 418 -2.74 16.98 -1.16
CA MET A 418 -2.56 16.93 0.25
C MET A 418 -1.12 17.27 0.61
N MET A 419 -0.16 16.90 -0.24
CA MET A 419 1.29 17.16 -0.01
CA MET A 419 1.24 17.20 0.08
C MET A 419 1.65 18.62 -0.36
N TYR A 420 1.16 19.14 -1.48
CA TYR A 420 1.58 20.47 -1.92
C TYR A 420 0.78 21.64 -1.30
N TYR A 421 -0.33 21.34 -0.66
CA TYR A 421 -1.15 22.33 0.05
C TYR A 421 -1.40 21.83 1.46
N PRO A 422 -0.33 21.81 2.30
CA PRO A 422 -0.45 21.28 3.62
C PRO A 422 -1.27 22.16 4.52
N GLY A 423 -1.95 21.57 5.48
CA GLY A 423 -2.61 22.27 6.57
C GLY A 423 -4.00 22.71 6.19
N ILE A 424 -4.48 22.35 5.01
CA ILE A 424 -5.84 22.75 4.65
C ILE A 424 -6.55 21.57 4.00
N VAL A 425 -7.85 21.74 3.69
CA VAL A 425 -8.61 20.79 2.92
C VAL A 425 -8.70 21.41 1.54
N THR A 426 -8.22 20.67 0.53
CA THR A 426 -8.36 21.09 -0.84
C THR A 426 -9.26 20.15 -1.68
N CYS A 427 -9.86 20.68 -2.76
CA CYS A 427 -10.57 19.86 -3.71
C CYS A 427 -10.33 20.25 -5.16
N ASP A 428 -10.66 19.30 -6.04
CA ASP A 428 -10.45 19.56 -7.44
C ASP A 428 -11.72 20.23 -7.99
N SER A 429 -11.66 20.47 -9.27
CA SER A 429 -12.74 21.21 -9.91
C SER A 429 -13.99 20.40 -10.07
N VAL A 430 -13.86 19.13 -10.42
CA VAL A 430 -14.99 18.22 -10.45
C VAL A 430 -15.77 18.26 -9.13
N THR A 431 -15.07 18.20 -8.00
CA THR A 431 -15.70 18.18 -6.69
C THR A 431 -16.35 19.51 -6.37
N TYR A 432 -15.61 20.58 -6.61
CA TYR A 432 -16.15 21.93 -6.41
C TYR A 432 -17.49 22.18 -7.21
N ASN A 433 -17.44 21.97 -8.51
CA ASN A 433 -18.55 22.28 -9.40
C ASN A 433 -19.70 21.35 -9.11
N GLY A 434 -19.40 20.13 -8.73
CA GLY A 434 -20.42 19.14 -8.57
C GLY A 434 -21.07 19.29 -7.24
N SER A 435 -20.38 19.81 -6.22
CA SER A 435 -20.95 19.81 -4.89
C SER A 435 -22.21 20.72 -4.89
N ASN A 436 -23.15 20.43 -4.04
CA ASN A 436 -24.32 21.36 -3.86
C ASN A 436 -24.02 22.48 -2.83
N LEU A 437 -22.74 22.80 -2.61
CA LEU A 437 -22.36 23.77 -1.60
C LEU A 437 -22.16 25.16 -2.26
N PRO A 438 -22.54 26.25 -1.54
CA PRO A 438 -22.31 27.61 -2.04
C PRO A 438 -20.86 27.91 -2.37
N ALA A 439 -20.65 28.84 -3.25
CA ALA A 439 -19.29 29.05 -3.72
C ALA A 439 -18.39 29.73 -2.67
N TYR A 440 -18.95 30.57 -1.81
CA TYR A 440 -18.13 31.20 -0.78
C TYR A 440 -17.67 30.26 0.33
N PHE A 441 -18.07 28.98 0.26
CA PHE A 441 -17.50 27.97 1.19
C PHE A 441 -16.11 27.58 0.68
N PHE A 442 -15.72 28.08 -0.50
CA PHE A 442 -14.44 27.71 -1.11
C PHE A 442 -13.56 28.88 -1.32
N LYS A 443 -12.30 28.60 -1.62
CA LYS A 443 -11.40 29.63 -2.04
C LYS A 443 -10.58 29.09 -3.20
N GLU A 444 -10.55 29.83 -4.31
CA GLU A 444 -9.79 29.41 -5.47
C GLU A 444 -8.31 29.64 -5.17
N LEU A 445 -7.46 28.62 -5.40
CA LEU A 445 -6.08 28.60 -4.97
C LEU A 445 -5.05 28.89 -6.14
N PRO A 446 -3.86 29.41 -5.80
CA PRO A 446 -2.83 29.47 -6.81
C PRO A 446 -2.49 28.05 -7.33
N LYS A 447 -2.18 27.98 -8.60
CA LYS A 447 -1.88 26.73 -9.27
C LYS A 447 -0.39 26.43 -8.97
N LYS A 448 -0.09 25.25 -8.50
CA LYS A 448 1.30 24.81 -8.26
C LYS A 448 1.66 23.73 -9.25
N VAL A 449 2.88 23.77 -9.77
CA VAL A 449 3.38 22.65 -10.58
C VAL A 449 3.66 21.48 -9.61
N MET A 450 3.04 20.33 -9.89
CA MET A 450 2.97 19.24 -8.95
C MET A 450 3.57 17.95 -9.55
N LYS A 451 4.61 17.39 -8.91
CA LYS A 451 5.27 16.11 -9.37
C LYS A 451 4.22 15.08 -9.71
N GLY A 452 4.09 14.81 -11.01
CA GLY A 452 3.27 13.70 -11.50
C GLY A 452 1.87 14.10 -11.98
N VAL A 453 1.68 15.38 -12.27
CA VAL A 453 0.34 15.92 -12.53
C VAL A 453 0.43 16.84 -13.78
N ALA A 454 -0.19 16.43 -14.89
CA ALA A 454 -0.11 17.23 -16.14
C ALA A 454 -0.86 18.56 -16.00
N ASP A 455 -2.20 18.53 -15.95
CA ASP A 455 -2.94 19.71 -15.55
C ASP A 455 -4.16 19.40 -14.71
N SER A 456 -4.02 19.80 -13.44
CA SER A 456 -4.98 19.52 -12.36
C SER A 456 -6.37 20.13 -12.56
N GLY A 457 -6.46 21.17 -13.40
CA GLY A 457 -7.65 22.06 -13.55
C GLY A 457 -7.56 23.01 -12.35
N PRO A 458 -8.40 24.01 -12.26
CA PRO A 458 -8.46 24.84 -11.02
C PRO A 458 -8.62 24.00 -9.73
N LEU A 459 -7.92 24.41 -8.68
CA LEU A 459 -8.07 23.77 -7.37
C LEU A 459 -8.60 24.78 -6.38
N TYR A 460 -9.18 24.25 -5.31
CA TYR A 460 -9.87 25.04 -4.29
C TYR A 460 -9.55 24.53 -2.91
N GLN A 461 -9.57 25.43 -1.97
CA GLN A 461 -9.62 25.13 -0.58
C GLN A 461 -11.06 25.11 -0.20
N TYR A 462 -11.46 24.07 0.53
CA TYR A 462 -12.73 24.04 1.18
C TYR A 462 -12.52 24.80 2.51
N TRP A 463 -13.07 26.02 2.60
CA TRP A 463 -12.82 26.92 3.69
C TRP A 463 -13.84 26.54 4.72
N GLY A 464 -14.98 26.04 4.28
CA GLY A 464 -16.05 25.64 5.17
C GLY A 464 -17.10 26.72 5.37
N ARG A 465 -18.08 26.37 6.20
CA ARG A 465 -19.34 27.15 6.41
C ARG A 465 -19.12 28.60 6.81
N THR A 466 -18.21 28.86 7.75
CA THR A 466 -18.12 30.23 8.32
C THR A 466 -16.73 30.86 8.01
N GLU A 467 -16.67 32.20 8.10
CA GLU A 467 -15.46 33.09 8.06
C GLU A 467 -15.33 33.89 6.72
#